data_6MC4
#
_entry.id   6MC4
#
_cell.length_a   53.743
_cell.length_b   53.743
_cell.length_c   99.389
_cell.angle_alpha   90.00
_cell.angle_beta   90.00
_cell.angle_gamma   120.00
#
_symmetry.space_group_name_H-M   'P 31 2 1'
#
loop_
_entity.id
_entity.type
_entity.pdbx_description
1 polymer "DNA (5'-D(*CP*GP*TP*CP*AP*GP*GP*CP*G)-3')"
2 non-polymer 'CALCIUM ION'
3 non-polymer 'POTASSIUM ION'
4 water water
#
_entity_poly.entity_id   1
_entity_poly.type   'polydeoxyribonucleotide'
_entity_poly.pdbx_seq_one_letter_code
;(DC)(DG)(DT)(DC)(DA)(DG)(DG)(DC)(DG)
;
_entity_poly.pdbx_strand_id   A,B,C,D,E,F,G,H
#